data_4UGS
#
_entry.id   4UGS
#
_cell.length_a   80.303
_cell.length_b   94.723
_cell.length_c   62.843
_cell.angle_alpha   90.00
_cell.angle_beta   90.00
_cell.angle_gamma   90.00
#
_symmetry.space_group_name_H-M   'P 21 21 2'
#
loop_
_entity.id
_entity.type
_entity.pdbx_description
1 polymer 'NITRIC OXIDE SYNTHASE OXYGENASE'
2 non-polymer 'PROTOPORPHYRIN IX CONTAINING FE'
3 non-polymer 5,6,7,8-TETRAHYDROBIOPTERIN
4 non-polymer 'CHLORIDE ION'
5 non-polymer "N,N'-[ethane-1,2-diylbis(oxybenzene-3,1-diyl)]dithiophene-2-carboximidamide"
6 water water
#
_entity_poly.entity_id   1
_entity_poly.type   'polypeptide(L)'
_entity_poly.pdbx_seq_one_letter_code
;MEEKEILWNEAKAFIAACYQELGKAAEVKDRLADIKSEIDLTGSYVHTKEELEHGAKMAWRNSNRCIGRLFWNSLNVIDR
RDVRTKEEVRDALFHHIETATNNGKIRPTITIFPPEEKGEKQVEIWNHQLIRYAGYESDGERIGDPASCSLTAACEELGW
RGERTDFDLLPLIFRMKGDEQPVWYELPRSLVIEVPITHPDIEAFSDLELKWYGVPIISDMKLEVGGIHYNAAPFNGWYM
GTEIGARNLADEKRYDKLKKVASVIGIAADYNTDLWKDQALVELNKAVLHSYKKQGVSIVDHHTAASQFKRFEEQAEEAG
RKLTGDWTWLIPPISPAATHIFHRSYDNSIVKPNYFYQDKPYE
;
_entity_poly.pdbx_strand_id   A
#
# COMPACT_ATOMS: atom_id res chain seq x y z
N GLU A 2 -30.51 -4.52 -10.95
CA GLU A 2 -29.95 -3.42 -10.19
C GLU A 2 -28.42 -3.30 -10.29
N GLU A 3 -27.77 -4.46 -10.24
CA GLU A 3 -26.32 -4.57 -10.43
C GLU A 3 -25.87 -3.84 -11.70
N LYS A 4 -26.62 -4.04 -12.78
CA LYS A 4 -26.30 -3.48 -14.08
C LYS A 4 -26.58 -1.98 -14.12
N GLU A 5 -27.61 -1.57 -13.38
CA GLU A 5 -27.92 -0.16 -13.26
C GLU A 5 -26.86 0.60 -12.46
N ILE A 6 -26.40 -0.01 -11.36
CA ILE A 6 -25.32 0.58 -10.58
C ILE A 6 -24.08 0.72 -11.47
N LEU A 7 -23.81 -0.32 -12.26
CA LEU A 7 -22.66 -0.34 -13.17
C LEU A 7 -22.74 0.83 -14.15
N TRP A 8 -23.87 0.94 -14.84
CA TRP A 8 -24.09 1.99 -15.82
C TRP A 8 -23.91 3.38 -15.22
N ASN A 9 -24.48 3.58 -14.03
CA ASN A 9 -24.42 4.89 -13.39
C ASN A 9 -23.00 5.26 -13.06
N GLU A 10 -22.26 4.32 -12.49
CA GLU A 10 -20.86 4.57 -12.14
C GLU A 10 -20.06 4.80 -13.42
N ALA A 11 -20.42 4.09 -14.49
CA ALA A 11 -19.66 4.17 -15.74
C ALA A 11 -19.78 5.56 -16.38
N LYS A 12 -21.01 6.06 -16.46
CA LYS A 12 -21.25 7.37 -17.03
C LYS A 12 -20.62 8.50 -16.21
N ALA A 13 -20.58 8.34 -14.88
CA ALA A 13 -19.94 9.35 -14.04
C ALA A 13 -18.41 9.33 -14.28
N PHE A 14 -17.86 8.12 -14.38
CA PHE A 14 -16.42 7.99 -14.53
C PHE A 14 -15.96 8.47 -15.92
N ILE A 15 -16.67 8.02 -16.95
CA ILE A 15 -16.26 8.36 -18.31
C ILE A 15 -16.32 9.86 -18.59
N ALA A 16 -17.36 10.53 -18.12
CA ALA A 16 -17.44 11.98 -18.30
C ALA A 16 -16.32 12.73 -17.55
N ALA A 17 -15.97 12.29 -16.34
CA ALA A 17 -14.98 13.01 -15.57
C ALA A 17 -13.58 12.71 -16.08
N CYS A 18 -13.34 11.45 -16.40
CA CYS A 18 -12.07 11.03 -16.96
C CYS A 18 -11.78 11.70 -18.33
N TYR A 19 -12.72 11.60 -19.26
CA TYR A 19 -12.53 12.18 -20.59
C TYR A 19 -12.36 13.70 -20.54
N GLN A 20 -13.05 14.33 -19.59
CA GLN A 20 -12.92 15.76 -19.36
C GLN A 20 -11.51 16.12 -18.90
N GLU A 21 -10.96 15.37 -17.96
CA GLU A 21 -9.59 15.60 -17.50
C GLU A 21 -8.59 15.35 -18.64
N LEU A 22 -8.92 14.42 -19.54
CA LEU A 22 -8.01 14.09 -20.64
C LEU A 22 -8.24 14.95 -21.89
N GLY A 23 -9.00 16.03 -21.75
CA GLY A 23 -9.33 16.86 -22.90
C GLY A 23 -10.07 16.12 -24.00
N LYS A 24 -10.75 15.04 -23.62
CA LYS A 24 -11.43 14.18 -24.59
C LYS A 24 -12.96 14.28 -24.50
N ALA A 25 -13.47 15.45 -24.12
CA ALA A 25 -14.91 15.60 -23.81
C ALA A 25 -15.86 15.21 -24.95
N ALA A 26 -15.47 15.49 -26.19
CA ALA A 26 -16.33 15.24 -27.35
C ALA A 26 -16.57 13.75 -27.66
N GLU A 27 -15.74 12.89 -27.06
CA GLU A 27 -15.84 11.45 -27.29
C GLU A 27 -16.70 10.72 -26.27
N VAL A 28 -17.07 11.43 -25.20
CA VAL A 28 -17.88 10.84 -24.14
C VAL A 28 -19.16 10.20 -24.72
N LYS A 29 -19.87 10.97 -25.54
CA LYS A 29 -21.16 10.54 -26.06
C LYS A 29 -21.14 9.18 -26.77
N ASP A 30 -20.24 9.02 -27.74
CA ASP A 30 -20.13 7.76 -28.49
C ASP A 30 -19.50 6.64 -27.66
N ARG A 31 -18.53 6.99 -26.81
CA ARG A 31 -17.96 6.01 -25.88
C ARG A 31 -19.03 5.49 -24.92
N LEU A 32 -19.87 6.38 -24.39
CA LEU A 32 -20.93 5.97 -23.47
C LEU A 32 -21.99 5.12 -24.18
N ALA A 33 -22.22 5.40 -25.46
CA ALA A 33 -23.11 4.59 -26.27
C ALA A 33 -22.58 3.17 -26.35
N ASP A 34 -21.31 3.07 -26.76
CA ASP A 34 -20.62 1.80 -26.90
C ASP A 34 -20.65 0.99 -25.61
N ILE A 35 -20.54 1.70 -24.48
CA ILE A 35 -20.55 1.06 -23.17
C ILE A 35 -21.93 0.53 -22.82
N LYS A 36 -22.96 1.34 -23.10
CA LYS A 36 -24.32 0.97 -22.78
C LYS A 36 -24.73 -0.32 -23.48
N SER A 37 -24.28 -0.48 -24.73
CA SER A 37 -24.50 -1.69 -25.52
C SER A 37 -23.75 -2.88 -24.94
N GLU A 38 -22.49 -2.66 -24.59
CA GLU A 38 -21.63 -3.75 -24.14
C GLU A 38 -22.17 -4.28 -22.82
N ILE A 39 -22.61 -3.35 -21.95
CA ILE A 39 -23.29 -3.73 -20.72
C ILE A 39 -24.55 -4.55 -21.03
N ASP A 40 -25.43 -3.99 -21.86
CA ASP A 40 -26.59 -4.72 -22.40
C ASP A 40 -26.21 -6.13 -22.86
N LEU A 41 -25.28 -6.21 -23.80
CA LEU A 41 -24.92 -7.48 -24.43
C LEU A 41 -24.17 -8.45 -23.51
N THR A 42 -23.29 -7.92 -22.66
CA THR A 42 -22.33 -8.78 -21.95
C THR A 42 -22.47 -8.80 -20.42
N GLY A 43 -23.13 -7.81 -19.83
CA GLY A 43 -23.26 -7.75 -18.38
C GLY A 43 -22.16 -6.93 -17.72
N SER A 44 -21.24 -6.42 -18.54
CA SER A 44 -20.14 -5.60 -18.03
C SER A 44 -19.54 -4.77 -19.17
N TYR A 45 -18.35 -4.22 -18.96
CA TYR A 45 -17.65 -3.50 -20.03
C TYR A 45 -16.15 -3.42 -19.78
N VAL A 46 -15.38 -3.34 -20.86
CA VAL A 46 -13.93 -3.35 -20.77
C VAL A 46 -13.36 -1.95 -20.88
N HIS A 47 -12.49 -1.57 -19.95
CA HIS A 47 -11.84 -0.25 -20.02
C HIS A 47 -10.78 -0.21 -21.11
N THR A 48 -10.65 0.93 -21.77
CA THR A 48 -9.50 1.17 -22.64
C THR A 48 -8.25 1.36 -21.78
N LYS A 49 -7.08 1.20 -22.41
CA LYS A 49 -5.78 1.44 -21.77
C LYS A 49 -5.75 2.79 -21.03
N GLU A 50 -6.23 3.83 -21.71
CA GLU A 50 -6.24 5.18 -21.17
C GLU A 50 -7.13 5.31 -19.95
N GLU A 51 -8.35 4.80 -20.07
CA GLU A 51 -9.32 4.85 -18.97
C GLU A 51 -8.70 4.13 -17.78
N LEU A 52 -8.11 2.97 -18.04
CA LEU A 52 -7.56 2.16 -16.96
C LEU A 52 -6.45 2.90 -16.23
N GLU A 53 -5.49 3.43 -16.98
CA GLU A 53 -4.40 4.21 -16.39
C GLU A 53 -4.92 5.44 -15.62
N HIS A 54 -5.74 6.25 -16.27
CA HIS A 54 -6.20 7.45 -15.60
C HIS A 54 -7.08 7.13 -14.39
N GLY A 55 -7.82 6.03 -14.46
CA GLY A 55 -8.69 5.61 -13.35
C GLY A 55 -7.89 5.25 -12.11
N ALA A 56 -6.80 4.51 -12.29
CA ALA A 56 -5.93 4.13 -11.18
C ALA A 56 -5.30 5.36 -10.55
N LYS A 57 -4.94 6.31 -11.39
CA LYS A 57 -4.35 7.58 -10.91
C LYS A 57 -5.40 8.38 -10.14
N MET A 58 -6.61 8.45 -10.67
CA MET A 58 -7.70 9.17 -9.98
C MET A 58 -7.98 8.53 -8.63
N ALA A 59 -7.95 7.21 -8.60
CA ALA A 59 -8.23 6.49 -7.38
C ALA A 59 -7.21 6.84 -6.29
N TRP A 60 -5.94 6.98 -6.66
CA TRP A 60 -4.90 7.41 -5.74
C TRP A 60 -5.20 8.83 -5.27
N ARG A 61 -5.54 9.71 -6.21
CA ARG A 61 -5.82 11.12 -5.88
C ARG A 61 -6.99 11.29 -4.92
N ASN A 62 -7.92 10.33 -4.94
CA ASN A 62 -9.12 10.36 -4.09
C ASN A 62 -8.95 9.62 -2.78
N SER A 63 -7.77 9.05 -2.57
CA SER A 63 -7.50 8.27 -1.35
C SER A 63 -7.34 9.19 -0.12
N ASN A 64 -8.43 9.37 0.63
CA ASN A 64 -8.44 10.31 1.76
C ASN A 64 -7.35 10.13 2.79
N ARG A 65 -6.90 8.90 2.99
CA ARG A 65 -5.93 8.63 4.05
C ARG A 65 -4.49 8.77 3.59
N CYS A 66 -4.29 9.14 2.32
CA CYS A 66 -2.93 9.15 1.78
C CYS A 66 -2.28 10.53 1.77
N ILE A 67 -1.17 10.67 2.50
CA ILE A 67 -0.43 11.94 2.57
C ILE A 67 0.49 12.13 1.34
N GLY A 68 0.69 11.06 0.59
CA GLY A 68 1.68 11.10 -0.48
C GLY A 68 1.05 11.42 -1.84
N ARG A 69 -0.16 11.94 -1.83
CA ARG A 69 -0.91 12.13 -3.08
C ARG A 69 -0.44 13.20 -4.07
N LEU A 70 0.56 14.02 -3.72
CA LEU A 70 1.05 15.03 -4.66
C LEU A 70 1.45 14.37 -5.96
N PHE A 71 1.99 13.16 -5.84
CA PHE A 71 2.57 12.52 -7.02
C PHE A 71 1.61 11.63 -7.78
N TRP A 72 0.30 11.82 -7.57
CA TRP A 72 -0.72 10.92 -8.17
C TRP A 72 -0.60 10.72 -9.70
N ASN A 73 -0.16 11.76 -10.41
CA ASN A 73 -0.18 11.69 -11.87
C ASN A 73 1.01 10.95 -12.47
N SER A 74 1.96 10.59 -11.61
CA SER A 74 3.19 9.95 -12.08
C SER A 74 3.14 8.44 -11.85
N LEU A 75 2.02 7.95 -11.31
CA LEU A 75 1.81 6.50 -11.09
C LEU A 75 2.09 5.67 -12.37
N ASN A 76 2.89 4.61 -12.24
CA ASN A 76 3.22 3.74 -13.36
C ASN A 76 2.24 2.56 -13.35
N VAL A 77 1.35 2.50 -14.34
CA VAL A 77 0.25 1.55 -14.36
C VAL A 77 0.59 0.38 -15.27
N ILE A 78 0.70 -0.83 -14.71
CA ILE A 78 0.95 -2.02 -15.52
C ILE A 78 -0.36 -2.79 -15.74
N ASP A 79 -0.76 -2.90 -17.01
CA ASP A 79 -2.03 -3.53 -17.36
C ASP A 79 -1.83 -5.04 -17.55
N ARG A 80 -2.16 -5.82 -16.52
CA ARG A 80 -2.05 -7.28 -16.62
C ARG A 80 -3.42 -8.00 -16.69
N ARG A 81 -4.38 -7.38 -17.39
CA ARG A 81 -5.71 -7.96 -17.55
C ARG A 81 -5.67 -9.20 -18.43
N ASP A 82 -4.50 -9.45 -19.03
CA ASP A 82 -4.33 -10.60 -19.92
C ASP A 82 -4.07 -11.94 -19.20
N VAL A 83 -3.73 -11.91 -17.91
CA VAL A 83 -3.28 -13.17 -17.27
C VAL A 83 -4.40 -14.17 -17.06
N ARG A 84 -4.08 -15.45 -17.21
CA ARG A 84 -5.04 -16.53 -16.99
C ARG A 84 -4.46 -17.67 -16.16
N THR A 85 -3.15 -17.66 -15.96
CA THR A 85 -2.50 -18.77 -15.25
C THR A 85 -1.82 -18.29 -13.99
N LYS A 86 -1.62 -19.21 -13.05
CA LYS A 86 -1.02 -18.79 -11.80
C LYS A 86 0.48 -18.49 -12.00
N GLU A 87 1.08 -19.12 -13.02
CA GLU A 87 2.48 -18.83 -13.36
C GLU A 87 2.59 -17.39 -13.86
N GLU A 88 1.62 -16.96 -14.67
CA GLU A 88 1.57 -15.57 -15.15
C GLU A 88 1.32 -14.57 -14.00
N VAL A 89 0.44 -14.93 -13.07
CA VAL A 89 0.21 -14.10 -11.92
C VAL A 89 1.49 -13.97 -11.11
N ARG A 90 2.15 -15.09 -10.88
CA ARG A 90 3.38 -15.10 -10.06
C ARG A 90 4.44 -14.21 -10.69
N ASP A 91 4.65 -14.40 -11.98
CA ASP A 91 5.66 -13.66 -12.72
C ASP A 91 5.32 -12.16 -12.74
N ALA A 92 4.02 -11.83 -12.86
CA ALA A 92 3.54 -10.45 -12.77
C ALA A 92 3.89 -9.80 -11.42
N LEU A 93 3.58 -10.51 -10.33
CA LEU A 93 3.95 -10.05 -9.00
C LEU A 93 5.47 -9.90 -8.86
N PHE A 94 6.22 -10.91 -9.28
CA PHE A 94 7.67 -10.82 -9.28
C PHE A 94 8.16 -9.58 -10.04
N HIS A 95 7.65 -9.37 -11.26
CA HIS A 95 8.03 -8.22 -12.09
C HIS A 95 7.69 -6.91 -11.40
N HIS A 96 6.50 -6.86 -10.81
CA HIS A 96 6.10 -5.66 -10.11
C HIS A 96 7.13 -5.33 -9.03
N ILE A 97 7.53 -6.31 -8.23
CA ILE A 97 8.56 -6.07 -7.21
C ILE A 97 9.85 -5.52 -7.82
N GLU A 98 10.33 -6.13 -8.91
CA GLU A 98 11.57 -5.69 -9.56
C GLU A 98 11.46 -4.24 -10.08
N THR A 99 10.43 -3.99 -10.88
CA THR A 99 10.31 -2.68 -11.54
C THR A 99 10.03 -1.55 -10.55
N ALA A 100 9.24 -1.85 -9.52
CA ALA A 100 8.94 -0.84 -8.51
C ALA A 100 10.16 -0.54 -7.65
N THR A 101 10.92 -1.58 -7.32
CA THR A 101 12.13 -1.42 -6.50
C THR A 101 13.16 -0.57 -7.26
N ASN A 102 13.34 -0.88 -8.54
CA ASN A 102 14.18 -0.05 -9.42
C ASN A 102 15.54 0.23 -8.77
N ASN A 103 16.16 -0.82 -8.24
CA ASN A 103 17.45 -0.69 -7.56
C ASN A 103 17.49 0.31 -6.43
N GLY A 104 16.34 0.58 -5.79
CA GLY A 104 16.29 1.46 -4.63
C GLY A 104 15.60 2.79 -4.90
N LYS A 105 15.61 3.20 -6.17
CA LYS A 105 14.98 4.46 -6.59
C LYS A 105 13.54 4.14 -6.95
N ILE A 106 12.73 3.96 -5.91
CA ILE A 106 11.40 3.35 -6.00
C ILE A 106 10.45 4.09 -6.94
N ARG A 107 9.75 3.33 -7.77
CA ARG A 107 8.81 3.88 -8.74
C ARG A 107 7.42 3.52 -8.26
N PRO A 108 6.56 4.53 -7.96
CA PRO A 108 5.18 4.20 -7.57
C PRO A 108 4.52 3.43 -8.70
N THR A 109 3.98 2.25 -8.42
CA THR A 109 3.52 1.34 -9.48
C THR A 109 2.27 0.60 -9.04
N ILE A 110 1.40 0.29 -10.00
CA ILE A 110 0.31 -0.61 -9.72
C ILE A 110 0.22 -1.64 -10.85
N THR A 111 0.02 -2.90 -10.48
CA THR A 111 -0.24 -3.93 -11.49
C THR A 111 -1.71 -4.28 -11.38
N ILE A 112 -2.41 -4.24 -12.50
CA ILE A 112 -3.87 -4.47 -12.49
C ILE A 112 -4.21 -5.79 -13.15
N PHE A 113 -4.85 -6.68 -12.39
CA PHE A 113 -5.20 -8.01 -12.89
C PHE A 113 -6.67 -8.01 -13.37
N PRO A 114 -7.13 -9.09 -14.04
CA PRO A 114 -8.54 -9.10 -14.46
C PRO A 114 -9.49 -8.78 -13.29
N PRO A 115 -10.57 -8.03 -13.54
CA PRO A 115 -11.50 -7.60 -12.49
C PRO A 115 -12.52 -8.71 -12.18
N GLU A 116 -13.32 -8.55 -11.13
CA GLU A 116 -14.41 -9.48 -10.84
C GLU A 116 -15.42 -9.45 -11.99
N GLU A 117 -16.18 -10.53 -12.17
CA GLU A 117 -17.15 -10.59 -13.26
C GLU A 117 -18.58 -10.41 -12.76
N LYS A 118 -19.10 -11.42 -12.07
CA LYS A 118 -20.37 -11.30 -11.37
C LYS A 118 -20.07 -11.20 -9.89
N GLY A 119 -19.10 -10.37 -9.54
CA GLY A 119 -18.53 -10.39 -8.20
C GLY A 119 -17.67 -11.64 -8.01
N GLU A 120 -17.49 -12.42 -9.08
CA GLU A 120 -16.60 -13.59 -9.04
C GLU A 120 -15.16 -13.18 -9.35
N LYS A 121 -14.27 -13.32 -8.36
CA LYS A 121 -12.87 -12.97 -8.53
C LYS A 121 -12.17 -13.89 -9.53
N GLN A 122 -11.35 -13.30 -10.40
CA GLN A 122 -10.54 -14.07 -11.32
C GLN A 122 -9.29 -14.53 -10.57
N VAL A 123 -8.77 -13.62 -9.75
CA VAL A 123 -7.53 -13.82 -9.02
C VAL A 123 -7.74 -13.20 -7.66
N GLU A 124 -7.40 -13.96 -6.62
CA GLU A 124 -7.63 -13.51 -5.25
C GLU A 124 -6.30 -13.55 -4.48
N ILE A 125 -5.71 -12.38 -4.24
CA ILE A 125 -4.43 -12.30 -3.54
C ILE A 125 -4.61 -12.30 -2.03
N TRP A 126 -3.89 -13.19 -1.34
CA TRP A 126 -3.98 -13.30 0.12
C TRP A 126 -3.03 -12.38 0.88
N ASN A 127 -1.88 -12.03 0.28
CA ASN A 127 -0.94 -11.18 1.02
C ASN A 127 -1.55 -9.82 1.32
N HIS A 128 -1.19 -9.27 2.48
CA HIS A 128 -1.57 -7.90 2.78
C HIS A 128 -0.59 -6.97 2.03
N GLN A 129 0.70 -7.28 2.12
CA GLN A 129 1.69 -6.68 1.19
C GLN A 129 2.44 -7.80 0.50
N LEU A 130 2.91 -7.55 -0.74
CA LEU A 130 3.67 -8.57 -1.47
C LEU A 130 4.89 -8.97 -0.67
N ILE A 131 5.54 -7.98 -0.04
CA ILE A 131 6.67 -8.24 0.84
C ILE A 131 6.32 -7.87 2.30
N ARG A 132 6.23 -8.88 3.17
CA ARG A 132 5.96 -8.69 4.60
C ARG A 132 6.56 -9.83 5.41
N TYR A 133 6.74 -9.62 6.73
CA TYR A 133 7.40 -10.64 7.54
C TYR A 133 6.39 -11.47 8.30
N ALA A 134 6.72 -12.74 8.50
CA ALA A 134 5.81 -13.69 9.13
C ALA A 134 5.77 -13.40 10.62
N GLY A 135 4.77 -13.95 11.29
CA GLY A 135 4.64 -13.75 12.72
C GLY A 135 4.13 -15.01 13.38
N TYR A 136 4.72 -15.35 14.53
CA TYR A 136 4.36 -16.58 15.21
C TYR A 136 4.04 -16.28 16.67
N GLU A 137 3.09 -17.01 17.23
CA GLU A 137 2.79 -16.94 18.66
C GLU A 137 2.45 -18.35 19.09
N SER A 138 3.32 -18.94 19.90
CA SER A 138 3.10 -20.26 20.44
C SER A 138 3.49 -20.21 21.91
N ASP A 139 2.74 -20.90 22.77
CA ASP A 139 3.02 -21.00 24.22
C ASP A 139 3.91 -19.88 24.79
N GLY A 140 3.35 -18.67 24.90
CA GLY A 140 4.07 -17.51 25.43
C GLY A 140 5.12 -16.93 24.51
N GLU A 141 5.58 -17.74 23.55
CA GLU A 141 6.68 -17.38 22.67
C GLU A 141 6.20 -16.60 21.44
N ARG A 142 6.76 -15.40 21.26
CA ARG A 142 6.35 -14.49 20.18
C ARG A 142 7.53 -14.16 19.25
N ILE A 143 7.36 -14.47 17.97
CA ILE A 143 8.45 -14.27 17.02
C ILE A 143 7.91 -13.50 15.85
N GLY A 144 8.68 -12.53 15.37
CA GLY A 144 8.32 -11.85 14.13
C GLY A 144 7.23 -10.81 14.29
N ASP A 145 6.39 -10.69 13.27
CA ASP A 145 5.43 -9.60 13.17
C ASP A 145 4.03 -10.06 13.53
N PRO A 146 3.51 -9.64 14.71
CA PRO A 146 2.20 -10.17 15.12
C PRO A 146 1.07 -9.84 14.14
N ALA A 147 1.20 -8.76 13.38
CA ALA A 147 0.16 -8.41 12.42
C ALA A 147 0.06 -9.52 11.38
N SER A 148 1.11 -10.34 11.28
CA SER A 148 1.11 -11.40 10.26
C SER A 148 0.76 -12.78 10.78
N CYS A 149 0.36 -12.89 12.04
CA CYS A 149 0.12 -14.23 12.64
C CYS A 149 -0.90 -15.09 11.92
N SER A 150 -2.05 -14.50 11.53
CA SER A 150 -3.09 -15.34 10.94
C SER A 150 -2.77 -15.76 9.49
N LEU A 151 -2.21 -14.86 8.69
CA LEU A 151 -1.78 -15.26 7.34
C LEU A 151 -0.64 -16.28 7.41
N THR A 152 0.29 -16.09 8.36
CA THR A 152 1.40 -17.02 8.54
C THR A 152 0.86 -18.42 8.86
N ALA A 153 -0.05 -18.49 9.83
CA ALA A 153 -0.68 -19.77 10.19
C ALA A 153 -1.34 -20.43 8.99
N ALA A 154 -1.96 -19.62 8.14
CA ALA A 154 -2.64 -20.16 6.96
C ALA A 154 -1.63 -20.66 5.90
N CYS A 155 -0.55 -19.92 5.69
CA CYS A 155 0.52 -20.41 4.82
C CYS A 155 1.06 -21.75 5.31
N GLU A 156 1.26 -21.86 6.63
CA GLU A 156 1.83 -23.10 7.16
C GLU A 156 0.84 -24.24 7.10
N GLU A 157 -0.44 -23.91 6.94
CA GLU A 157 -1.46 -24.92 6.70
C GLU A 157 -1.19 -25.54 5.36
N LEU A 158 -0.71 -24.73 4.45
CA LEU A 158 -0.58 -25.13 3.05
C LEU A 158 0.79 -25.73 2.74
N GLY A 159 1.57 -25.98 3.78
CA GLY A 159 2.85 -26.64 3.61
C GLY A 159 4.06 -25.75 3.48
N TRP A 160 3.87 -24.44 3.59
CA TRP A 160 5.02 -23.54 3.76
C TRP A 160 5.52 -23.66 5.21
N ARG A 161 6.83 -23.51 5.41
CA ARG A 161 7.43 -23.51 6.75
C ARG A 161 8.44 -22.35 6.86
N GLY A 162 8.22 -21.46 7.82
CA GLY A 162 9.14 -20.34 8.02
C GLY A 162 10.30 -20.78 8.90
N GLU A 163 11.42 -20.05 8.81
CA GLU A 163 12.58 -20.37 9.62
C GLU A 163 12.45 -19.90 11.06
N ARG A 164 11.43 -19.09 11.32
CA ARG A 164 11.18 -18.50 12.65
C ARG A 164 12.28 -17.57 13.15
N THR A 165 12.83 -16.78 12.23
CA THR A 165 13.55 -15.57 12.60
C THR A 165 12.46 -14.51 12.77
N ASP A 166 12.83 -13.32 13.25
CA ASP A 166 11.86 -12.24 13.41
C ASP A 166 11.54 -11.57 12.10
N PHE A 167 12.19 -12.02 11.02
CA PHE A 167 12.09 -11.35 9.72
C PHE A 167 12.02 -12.40 8.58
N ASP A 168 11.21 -13.43 8.78
CA ASP A 168 10.91 -14.41 7.72
C ASP A 168 10.07 -13.78 6.62
N LEU A 169 10.53 -13.84 5.38
CA LEU A 169 9.72 -13.32 4.28
C LEU A 169 8.58 -14.30 4.00
N LEU A 170 7.35 -13.82 4.09
CA LEU A 170 6.18 -14.64 3.70
C LEU A 170 6.23 -14.96 2.19
N PRO A 171 5.70 -16.12 1.82
CA PRO A 171 5.66 -16.43 0.38
C PRO A 171 4.54 -15.60 -0.23
N LEU A 172 4.57 -15.40 -1.54
CA LEU A 172 3.41 -14.84 -2.22
C LEU A 172 2.37 -15.94 -2.11
N ILE A 173 1.13 -15.58 -1.82
CA ILE A 173 0.05 -16.57 -1.78
C ILE A 173 -1.23 -15.99 -2.39
N PHE A 174 -1.79 -16.67 -3.37
CA PHE A 174 -3.00 -16.20 -4.04
C PHE A 174 -3.80 -17.37 -4.59
N ARG A 175 -5.08 -17.16 -4.86
CA ARG A 175 -5.92 -18.24 -5.41
C ARG A 175 -6.51 -17.84 -6.75
N MET A 176 -6.66 -18.82 -7.64
CA MET A 176 -7.24 -18.60 -8.97
C MET A 176 -8.69 -19.08 -8.98
N LYS A 177 -9.52 -18.40 -9.79
CA LYS A 177 -10.90 -18.79 -10.03
C LYS A 177 -10.88 -20.24 -10.45
N GLY A 178 -11.64 -21.09 -9.77
CA GLY A 178 -11.74 -22.48 -10.15
C GLY A 178 -10.93 -23.37 -9.23
N ASP A 179 -10.04 -22.75 -8.48
CA ASP A 179 -9.21 -23.47 -7.53
C ASP A 179 -9.79 -23.37 -6.12
N GLU A 180 -9.69 -24.47 -5.38
CA GLU A 180 -10.23 -24.56 -4.03
C GLU A 180 -9.23 -24.01 -3.03
N GLN A 181 -7.95 -24.14 -3.33
CA GLN A 181 -6.88 -23.68 -2.46
C GLN A 181 -5.99 -22.69 -3.17
N PRO A 182 -5.37 -21.77 -2.40
CA PRO A 182 -4.40 -20.88 -3.06
C PRO A 182 -3.10 -21.65 -3.31
N VAL A 183 -2.17 -21.04 -4.05
CA VAL A 183 -0.83 -21.58 -4.20
C VAL A 183 0.11 -20.62 -3.50
N TRP A 184 1.30 -21.09 -3.14
CA TRP A 184 2.30 -20.16 -2.59
C TRP A 184 3.65 -20.31 -3.28
N TYR A 185 4.36 -19.19 -3.45
CA TYR A 185 5.68 -19.18 -4.03
C TYR A 185 6.61 -18.36 -3.16
N GLU A 186 7.73 -18.98 -2.80
CA GLU A 186 8.77 -18.34 -2.00
C GLU A 186 9.34 -17.15 -2.79
N LEU A 187 9.54 -16.00 -2.14
CA LEU A 187 10.14 -14.85 -2.84
C LEU A 187 11.63 -15.03 -3.11
N PRO A 188 12.06 -14.84 -4.35
CA PRO A 188 13.50 -14.88 -4.61
C PRO A 188 14.18 -13.76 -3.80
N ARG A 189 15.18 -14.08 -2.99
CA ARG A 189 15.79 -13.07 -2.12
C ARG A 189 16.44 -11.96 -2.93
N SER A 190 16.89 -12.27 -4.15
CA SER A 190 17.46 -11.24 -5.03
C SER A 190 16.48 -10.14 -5.45
N LEU A 191 15.18 -10.37 -5.25
CA LEU A 191 14.17 -9.38 -5.65
C LEU A 191 13.86 -8.45 -4.50
N VAL A 192 14.21 -8.87 -3.29
CA VAL A 192 13.76 -8.16 -2.07
C VAL A 192 14.88 -7.36 -1.47
N ILE A 193 14.78 -6.04 -1.57
CA ILE A 193 15.73 -5.15 -0.92
C ILE A 193 15.35 -4.94 0.55
N GLU A 194 16.33 -5.07 1.43
CA GLU A 194 16.09 -4.88 2.86
C GLU A 194 17.15 -3.89 3.34
N VAL A 195 16.84 -3.16 4.40
CA VAL A 195 17.74 -2.15 4.95
C VAL A 195 18.04 -2.40 6.45
N PRO A 196 19.32 -2.62 6.80
CA PRO A 196 19.64 -2.75 8.23
C PRO A 196 19.55 -1.40 8.91
N ILE A 197 19.02 -1.37 10.14
CA ILE A 197 18.78 -0.08 10.76
C ILE A 197 19.98 0.27 11.63
N THR A 198 20.68 1.33 11.25
CA THR A 198 21.77 1.84 12.08
C THR A 198 21.43 3.29 12.39
N HIS A 199 22.18 3.89 13.30
CA HIS A 199 21.90 5.25 13.75
C HIS A 199 23.14 6.05 13.39
N PRO A 200 22.98 7.32 13.00
CA PRO A 200 24.11 8.09 12.47
C PRO A 200 25.19 8.41 13.52
N ASP A 201 24.81 8.39 14.80
CA ASP A 201 25.69 8.86 15.88
C ASP A 201 25.96 7.79 16.92
N ILE A 202 25.00 6.87 17.09
CA ILE A 202 25.03 5.92 18.19
C ILE A 202 25.33 4.54 17.63
N GLU A 203 26.57 4.10 17.85
CA GLU A 203 27.08 2.88 17.26
C GLU A 203 26.41 1.61 17.77
N ALA A 204 26.05 1.63 19.05
CA ALA A 204 25.38 0.52 19.71
C ALA A 204 24.04 0.19 19.06
N PHE A 205 23.51 1.12 18.28
CA PHE A 205 22.17 0.93 17.74
C PHE A 205 22.08 -0.32 16.87
N SER A 206 23.20 -0.74 16.27
CA SER A 206 23.23 -1.96 15.46
C SER A 206 23.04 -3.23 16.30
N ASP A 207 23.26 -3.13 17.62
CA ASP A 207 23.07 -4.29 18.51
C ASP A 207 21.62 -4.74 18.54
N LEU A 208 20.71 -3.85 18.12
CA LEU A 208 19.30 -4.24 18.03
C LEU A 208 19.00 -5.20 16.88
N GLU A 209 19.89 -5.23 15.88
CA GLU A 209 19.72 -6.09 14.70
C GLU A 209 18.36 -5.91 14.06
N LEU A 210 17.96 -4.66 13.93
CA LEU A 210 16.70 -4.31 13.28
C LEU A 210 16.93 -4.20 11.79
N LYS A 211 15.91 -4.55 11.00
CA LYS A 211 15.89 -4.25 9.59
C LYS A 211 14.46 -4.08 9.10
N TRP A 212 14.28 -3.57 7.89
CA TRP A 212 12.96 -3.51 7.29
C TRP A 212 13.12 -3.67 5.78
N TYR A 213 12.01 -3.95 5.10
CA TYR A 213 12.11 -4.19 3.66
C TYR A 213 11.95 -2.85 2.97
N GLY A 214 12.36 -2.79 1.72
CA GLY A 214 12.41 -1.49 1.07
C GLY A 214 11.07 -0.96 0.62
N VAL A 215 10.23 -1.83 0.07
CA VAL A 215 9.09 -1.38 -0.70
C VAL A 215 7.77 -1.95 -0.19
N PRO A 216 6.88 -1.09 0.35
CA PRO A 216 5.58 -1.58 0.84
C PRO A 216 4.61 -1.68 -0.33
N ILE A 217 4.11 -2.87 -0.61
CA ILE A 217 3.28 -3.07 -1.78
C ILE A 217 1.95 -3.65 -1.35
N ILE A 218 0.97 -2.77 -1.14
CA ILE A 218 -0.35 -3.16 -0.63
C ILE A 218 -1.08 -4.02 -1.65
N SER A 219 -1.42 -5.25 -1.26
CA SER A 219 -1.84 -6.22 -2.28
C SER A 219 -3.22 -6.78 -1.98
N ASP A 220 -3.91 -6.18 -1.02
CA ASP A 220 -5.23 -6.71 -0.63
C ASP A 220 -6.37 -5.70 -0.76
N MET A 221 -6.15 -4.58 -1.44
CA MET A 221 -7.24 -3.61 -1.58
C MET A 221 -7.86 -3.71 -2.97
N LYS A 222 -9.16 -3.40 -3.03
CA LYS A 222 -9.89 -3.36 -4.28
C LYS A 222 -9.82 -1.99 -4.93
N LEU A 223 -9.38 -1.95 -6.19
CA LEU A 223 -9.46 -0.73 -7.01
C LEU A 223 -10.81 -0.71 -7.70
N GLU A 224 -11.53 0.39 -7.55
CA GLU A 224 -12.83 0.54 -8.21
C GLU A 224 -12.78 1.71 -9.17
N VAL A 225 -13.08 1.44 -10.44
CA VAL A 225 -13.01 2.46 -11.49
C VAL A 225 -14.23 2.31 -12.37
N GLY A 226 -15.11 3.31 -12.40
CA GLY A 226 -16.29 3.26 -13.25
C GLY A 226 -17.15 2.02 -13.14
N GLY A 227 -17.31 1.53 -11.91
CA GLY A 227 -18.23 0.43 -11.66
C GLY A 227 -17.59 -0.95 -11.81
N ILE A 228 -16.35 -0.97 -12.31
CA ILE A 228 -15.61 -2.22 -12.47
C ILE A 228 -14.75 -2.44 -11.23
N HIS A 229 -14.80 -3.66 -10.69
CA HIS A 229 -14.12 -3.95 -9.43
C HIS A 229 -12.84 -4.75 -9.64
N TYR A 230 -11.71 -4.07 -9.61
CA TYR A 230 -10.41 -4.72 -9.68
C TYR A 230 -9.96 -5.09 -8.25
N ASN A 231 -10.40 -6.27 -7.80
CA ASN A 231 -10.08 -6.72 -6.45
C ASN A 231 -8.60 -7.08 -6.30
N ALA A 232 -7.96 -7.37 -7.42
CA ALA A 232 -6.54 -7.71 -7.40
C ALA A 232 -5.73 -6.69 -8.21
N ALA A 233 -5.12 -5.76 -7.49
CA ALA A 233 -4.46 -4.63 -8.12
C ALA A 233 -3.42 -4.03 -7.20
N PRO A 234 -2.38 -4.82 -6.86
CA PRO A 234 -1.36 -4.38 -5.90
C PRO A 234 -0.64 -3.08 -6.32
N PHE A 235 -0.40 -2.20 -5.36
CA PHE A 235 0.23 -0.93 -5.67
C PHE A 235 1.27 -0.57 -4.60
N ASN A 236 2.22 0.28 -4.97
CA ASN A 236 3.23 0.76 -4.04
C ASN A 236 3.62 2.22 -4.27
N GLY A 237 4.05 2.87 -3.20
CA GLY A 237 4.83 4.10 -3.29
C GLY A 237 6.14 3.78 -2.61
N TRP A 238 6.70 4.76 -1.91
CA TRP A 238 7.80 4.53 -1.00
C TRP A 238 7.30 4.79 0.42
N TYR A 239 8.10 4.45 1.41
CA TYR A 239 7.66 4.63 2.79
C TYR A 239 7.83 6.06 3.24
N MET A 240 6.93 6.49 4.13
CA MET A 240 7.20 7.63 5.01
C MET A 240 7.86 7.00 6.24
N GLY A 241 8.98 7.57 6.70
CA GLY A 241 9.76 6.94 7.78
C GLY A 241 8.96 6.53 9.02
N THR A 242 8.00 7.37 9.40
CA THR A 242 7.20 7.08 10.61
C THR A 242 6.41 5.78 10.53
N GLU A 243 6.09 5.31 9.32
CA GLU A 243 5.36 4.06 9.22
C GLU A 243 6.17 2.92 9.80
N ILE A 244 7.49 3.01 9.62
CA ILE A 244 8.38 1.98 10.11
C ILE A 244 8.80 2.31 11.56
N GLY A 245 9.32 3.52 11.77
CA GLY A 245 9.94 3.90 13.03
C GLY A 245 8.95 4.19 14.17
N ALA A 246 7.72 4.54 13.82
CA ALA A 246 6.77 4.99 14.85
C ALA A 246 5.64 4.02 15.03
N ARG A 247 5.54 3.05 14.11
CA ARG A 247 4.44 2.11 14.14
C ARG A 247 4.93 0.65 14.05
N ASN A 248 5.48 0.25 12.90
CA ASN A 248 5.84 -1.13 12.68
C ASN A 248 6.85 -1.62 13.70
N LEU A 249 7.83 -0.79 14.02
CA LEU A 249 8.84 -1.19 15.00
C LEU A 249 8.47 -0.78 16.44
N ALA A 250 7.58 0.19 16.57
CA ALA A 250 7.23 0.80 17.88
C ALA A 250 6.01 0.25 18.57
N ASP A 251 4.94 -0.07 17.82
CA ASP A 251 3.71 -0.48 18.48
C ASP A 251 3.94 -1.71 19.36
N GLU A 252 3.24 -1.76 20.47
CA GLU A 252 3.35 -2.90 21.37
C GLU A 252 2.84 -4.17 20.73
N LYS A 253 1.85 -4.03 19.85
CA LYS A 253 1.29 -5.17 19.13
C LYS A 253 2.02 -5.46 17.79
N ARG A 254 3.09 -4.72 17.51
CA ARG A 254 3.98 -5.05 16.39
C ARG A 254 5.32 -5.46 16.98
N TYR A 255 6.42 -4.85 16.53
CA TYR A 255 7.72 -5.27 17.04
C TYR A 255 8.10 -4.76 18.44
N ASP A 256 7.44 -3.69 18.91
CA ASP A 256 7.52 -3.31 20.34
C ASP A 256 8.97 -3.06 20.80
N LYS A 257 9.69 -2.22 20.07
CA LYS A 257 11.12 -2.04 20.30
C LYS A 257 11.48 -0.85 21.19
N LEU A 258 10.51 -0.08 21.67
CA LEU A 258 10.89 1.18 22.33
C LEU A 258 11.80 0.95 23.57
N LYS A 259 11.51 -0.04 24.41
CA LYS A 259 12.33 -0.23 25.63
C LYS A 259 13.75 -0.62 25.24
N LYS A 260 13.88 -1.45 24.21
CA LYS A 260 15.20 -1.86 23.75
C LYS A 260 15.92 -0.66 23.12
N VAL A 261 15.17 0.20 22.46
CA VAL A 261 15.77 1.40 21.87
C VAL A 261 16.33 2.31 22.99
N ALA A 262 15.55 2.49 24.05
CA ALA A 262 15.96 3.36 25.15
C ALA A 262 17.25 2.85 25.78
N SER A 263 17.33 1.53 25.92
CA SER A 263 18.52 0.94 26.50
C SER A 263 19.77 1.19 25.65
N VAL A 264 19.69 0.99 24.34
CA VAL A 264 20.87 1.24 23.51
C VAL A 264 21.23 2.71 23.33
N ILE A 265 20.29 3.62 23.57
CA ILE A 265 20.64 5.03 23.50
C ILE A 265 21.05 5.57 24.87
N GLY A 266 21.05 4.67 25.85
CA GLY A 266 21.56 4.97 27.18
C GLY A 266 20.65 5.77 28.09
N ILE A 267 19.34 5.66 27.90
CA ILE A 267 18.41 6.32 28.83
C ILE A 267 17.58 5.30 29.60
N ALA A 268 17.16 5.71 30.79
CA ALA A 268 16.27 4.87 31.62
C ALA A 268 14.87 4.81 31.01
N ALA A 269 14.20 3.66 31.14
CA ALA A 269 12.84 3.48 30.63
C ALA A 269 11.90 3.25 31.81
N ASP A 270 12.08 4.02 32.88
CA ASP A 270 11.41 3.76 34.14
C ASP A 270 10.30 4.79 34.47
N TYR A 271 10.42 6.01 33.96
CA TYR A 271 9.51 7.09 34.39
C TYR A 271 8.80 7.75 33.23
N ASN A 272 7.47 7.80 33.29
CA ASN A 272 6.72 8.46 32.21
C ASN A 272 7.21 9.91 32.02
N THR A 273 7.46 10.60 33.13
CA THR A 273 7.88 12.01 33.06
C THR A 273 9.27 12.24 32.42
N ASP A 274 10.07 11.18 32.24
CA ASP A 274 11.33 11.30 31.48
C ASP A 274 11.09 11.35 29.98
N LEU A 275 9.87 11.05 29.55
CA LEU A 275 9.50 11.01 28.13
C LEU A 275 10.47 10.11 27.34
N TRP A 276 10.84 9.00 27.97
CA TRP A 276 11.72 8.03 27.31
C TRP A 276 11.07 7.41 26.08
N LYS A 277 9.75 7.23 26.09
CA LYS A 277 9.15 6.72 24.84
C LYS A 277 9.30 7.70 23.69
N ASP A 278 9.11 8.98 24.01
CA ASP A 278 9.12 10.02 22.99
C ASP A 278 10.52 10.11 22.43
N GLN A 279 11.50 10.01 23.31
CA GLN A 279 12.91 10.15 22.96
C GLN A 279 13.37 8.96 22.17
N ALA A 280 12.95 7.76 22.60
CA ALA A 280 13.27 6.55 21.84
C ALA A 280 12.63 6.63 20.45
N LEU A 281 11.40 7.13 20.39
CA LEU A 281 10.75 7.35 19.07
C LEU A 281 11.56 8.24 18.12
N VAL A 282 12.08 9.35 18.64
CA VAL A 282 12.84 10.28 17.80
C VAL A 282 14.10 9.60 17.28
N GLU A 283 14.87 8.94 18.15
CA GLU A 283 16.11 8.30 17.72
C GLU A 283 15.84 7.14 16.77
N LEU A 284 14.85 6.31 17.07
CA LEU A 284 14.49 5.19 16.18
C LEU A 284 14.10 5.73 14.81
N ASN A 285 13.33 6.82 14.82
CA ASN A 285 12.90 7.41 13.55
C ASN A 285 14.02 8.08 12.78
N LYS A 286 14.96 8.65 13.52
CA LYS A 286 16.15 9.21 12.88
C LYS A 286 16.93 8.06 12.23
N ALA A 287 17.03 6.93 12.93
CA ALA A 287 17.86 5.82 12.47
C ALA A 287 17.30 5.27 11.17
N VAL A 288 15.97 5.18 11.11
CA VAL A 288 15.30 4.62 9.95
C VAL A 288 15.53 5.47 8.67
N LEU A 289 15.43 6.80 8.80
CA LEU A 289 15.63 7.69 7.66
C LEU A 289 17.10 7.66 7.24
N HIS A 290 17.97 7.71 8.23
CA HIS A 290 19.39 7.67 7.94
C HIS A 290 19.76 6.38 7.22
N SER A 291 19.14 5.28 7.64
CA SER A 291 19.51 3.98 7.05
C SER A 291 19.05 3.81 5.61
N TYR A 292 17.81 4.19 5.33
CA TYR A 292 17.29 4.15 3.96
C TYR A 292 18.12 5.05 3.03
N LYS A 293 18.43 6.26 3.51
CA LYS A 293 19.24 7.22 2.74
C LYS A 293 20.65 6.73 2.50
N LYS A 294 21.30 6.18 3.52
CA LYS A 294 22.64 5.61 3.34
C LYS A 294 22.64 4.48 2.31
N GLN A 295 21.62 3.65 2.32
CA GLN A 295 21.57 2.55 1.36
C GLN A 295 21.17 2.98 -0.06
N GLY A 296 20.57 4.16 -0.22
CA GLY A 296 20.07 4.56 -1.53
C GLY A 296 18.69 3.99 -1.83
N VAL A 297 17.88 3.84 -0.79
CA VAL A 297 16.51 3.37 -0.98
C VAL A 297 15.56 4.52 -0.65
N SER A 298 14.60 4.78 -1.55
CA SER A 298 13.73 5.94 -1.40
C SER A 298 12.94 5.90 -0.11
N ILE A 299 12.81 7.06 0.55
CA ILE A 299 11.97 7.19 1.75
C ILE A 299 11.70 8.69 1.88
N VAL A 300 10.69 9.08 2.66
CA VAL A 300 10.45 10.53 2.88
C VAL A 300 10.19 10.70 4.37
N ASP A 301 10.59 11.82 4.95
CA ASP A 301 10.30 12.07 6.36
C ASP A 301 8.92 12.73 6.46
N HIS A 302 8.34 12.77 7.66
CA HIS A 302 6.96 13.24 7.77
C HIS A 302 6.81 14.74 7.54
N HIS A 303 7.89 15.51 7.73
CA HIS A 303 7.81 16.96 7.54
C HIS A 303 7.80 17.27 6.06
N THR A 304 8.74 16.69 5.34
CA THR A 304 8.80 16.80 3.88
C THR A 304 7.50 16.31 3.24
N ALA A 305 7.02 15.15 3.67
CA ALA A 305 5.76 14.60 3.15
C ALA A 305 4.56 15.55 3.35
N ALA A 306 4.42 16.12 4.57
CA ALA A 306 3.36 17.11 4.81
C ALA A 306 3.52 18.35 3.93
N SER A 307 4.78 18.77 3.71
CA SER A 307 4.99 19.90 2.79
C SER A 307 4.56 19.56 1.37
N GLN A 308 4.77 18.32 0.95
CA GLN A 308 4.29 17.89 -0.37
C GLN A 308 2.75 17.88 -0.39
N PHE A 309 2.15 17.39 0.67
CA PHE A 309 0.71 17.31 0.74
C PHE A 309 0.09 18.69 0.70
N LYS A 310 0.75 19.66 1.32
CA LYS A 310 0.29 21.04 1.26
C LYS A 310 0.29 21.45 -0.20
N ARG A 311 1.29 21.02 -0.95
CA ARG A 311 1.31 21.37 -2.38
C ARG A 311 0.17 20.68 -3.09
N PHE A 312 -0.14 19.45 -2.68
CA PHE A 312 -1.26 18.73 -3.27
C PHE A 312 -2.57 19.50 -3.05
N GLU A 313 -2.75 20.04 -1.84
CA GLU A 313 -3.94 20.82 -1.53
C GLU A 313 -4.03 22.06 -2.41
N GLU A 314 -2.91 22.75 -2.59
CA GLU A 314 -2.92 23.99 -3.38
C GLU A 314 -3.22 23.64 -4.82
N GLN A 315 -2.61 22.56 -5.29
CA GLN A 315 -2.83 22.09 -6.67
C GLN A 315 -4.30 21.75 -6.95
N ALA A 316 -4.95 21.05 -6.00
CA ALA A 316 -6.37 20.74 -6.10
C ALA A 316 -7.20 22.02 -6.25
N GLU A 317 -7.00 22.98 -5.36
CA GLU A 317 -7.69 24.27 -5.51
C GLU A 317 -7.43 24.92 -6.87
N GLU A 318 -6.18 24.97 -7.30
CA GLU A 318 -5.83 25.55 -8.60
C GLU A 318 -6.63 24.89 -9.74
N ALA A 319 -6.86 23.59 -9.64
CA ALA A 319 -7.52 22.82 -10.69
C ALA A 319 -9.05 22.84 -10.59
N GLY A 320 -9.57 23.39 -9.50
CA GLY A 320 -11.01 23.45 -9.28
C GLY A 320 -11.60 22.19 -8.67
N ARG A 321 -10.75 21.28 -8.19
CA ARG A 321 -11.25 20.03 -7.59
C ARG A 321 -11.44 20.15 -6.09
N LYS A 322 -12.52 19.59 -5.57
CA LYS A 322 -12.68 19.50 -4.14
C LYS A 322 -11.57 18.60 -3.60
N LEU A 323 -11.08 18.93 -2.42
CA LEU A 323 -10.08 18.11 -1.75
C LEU A 323 -10.78 17.23 -0.72
N THR A 324 -10.46 15.94 -0.67
CA THR A 324 -10.97 15.15 0.44
C THR A 324 -9.82 14.50 1.22
N GLY A 325 -10.03 14.27 2.50
CA GLY A 325 -8.97 13.70 3.32
C GLY A 325 -9.48 13.20 4.66
N ASP A 326 -8.74 12.28 5.25
CA ASP A 326 -9.08 11.74 6.57
C ASP A 326 -8.02 12.27 7.55
N TRP A 327 -8.38 13.30 8.31
CA TRP A 327 -7.45 13.95 9.22
C TRP A 327 -6.76 12.93 10.12
N THR A 328 -7.51 11.92 10.59
CA THR A 328 -7.00 10.98 11.58
C THR A 328 -5.88 10.13 11.01
N TRP A 329 -5.86 9.99 9.69
CA TRP A 329 -4.80 9.21 9.05
C TRP A 329 -3.70 10.06 8.43
N LEU A 330 -4.03 11.30 8.09
CA LEU A 330 -3.06 12.19 7.45
C LEU A 330 -2.03 12.71 8.46
N ILE A 331 -2.48 12.97 9.70
CA ILE A 331 -1.51 13.46 10.67
C ILE A 331 -0.50 12.37 10.92
N PRO A 332 0.79 12.73 10.94
CA PRO A 332 1.77 11.70 11.28
C PRO A 332 1.71 11.31 12.76
N PRO A 333 2.19 10.11 13.09
CA PRO A 333 2.10 9.57 14.45
C PRO A 333 3.18 10.13 15.37
N ILE A 334 4.15 10.88 14.85
CA ILE A 334 4.97 11.71 15.76
C ILE A 334 5.02 13.14 15.28
N SER A 335 5.21 14.05 16.24
CA SER A 335 5.10 15.49 16.03
C SER A 335 4.01 15.95 15.07
N PRO A 336 2.75 15.43 15.20
CA PRO A 336 1.73 15.85 14.24
C PRO A 336 1.46 17.36 14.24
N ALA A 337 1.46 17.99 15.41
CA ALA A 337 1.22 19.42 15.50
C ALA A 337 2.35 20.26 14.89
N ALA A 338 3.47 19.64 14.55
CA ALA A 338 4.51 20.40 13.83
C ALA A 338 4.24 20.43 12.32
N THR A 339 3.16 19.79 11.86
CA THR A 339 2.78 19.84 10.44
C THR A 339 1.52 20.66 10.29
N HIS A 340 1.30 21.26 9.10
CA HIS A 340 0.11 22.12 8.88
C HIS A 340 -1.19 21.30 8.90
N ILE A 341 -1.06 20.02 8.55
CA ILE A 341 -2.20 19.10 8.54
C ILE A 341 -3.01 19.16 9.86
N PHE A 342 -2.31 19.06 10.98
CA PHE A 342 -2.93 19.06 12.30
C PHE A 342 -3.83 20.27 12.53
N HIS A 343 -3.49 21.40 11.89
CA HIS A 343 -4.11 22.69 12.23
C HIS A 343 -5.22 23.08 11.25
N ARG A 344 -5.56 22.17 10.32
CA ARG A 344 -6.77 22.35 9.51
C ARG A 344 -7.64 21.09 9.55
N SER A 345 -8.83 21.17 8.96
CA SER A 345 -9.70 20.02 8.89
C SER A 345 -9.91 19.60 7.42
N TYR A 346 -10.44 18.40 7.22
CA TYR A 346 -10.60 17.82 5.88
C TYR A 346 -11.97 17.15 5.74
N ASP A 347 -12.60 17.34 4.58
CA ASP A 347 -13.85 16.67 4.19
C ASP A 347 -13.57 15.17 3.92
N ASN A 348 -14.12 14.28 4.75
CA ASN A 348 -13.83 12.84 4.60
C ASN A 348 -14.81 12.12 3.63
N SER A 349 -15.39 12.85 2.68
CA SER A 349 -16.29 12.21 1.71
C SER A 349 -15.54 11.20 0.81
N ILE A 350 -16.25 10.15 0.39
CA ILE A 350 -15.69 9.14 -0.51
C ILE A 350 -16.02 9.54 -1.94
N VAL A 351 -14.99 9.80 -2.74
CA VAL A 351 -15.14 10.04 -4.16
C VAL A 351 -14.53 8.85 -4.92
N LYS A 352 -15.16 8.43 -6.02
CA LYS A 352 -14.62 7.34 -6.84
C LYS A 352 -14.10 7.89 -8.17
N PRO A 353 -13.09 7.22 -8.79
CA PRO A 353 -12.40 5.96 -8.42
C PRO A 353 -11.71 6.01 -7.08
N ASN A 354 -11.50 4.84 -6.48
CA ASN A 354 -10.84 4.81 -5.18
C ASN A 354 -10.43 3.37 -4.85
N TYR A 355 -9.60 3.22 -3.84
CA TYR A 355 -9.20 1.92 -3.29
C TYR A 355 -10.00 1.63 -2.02
N PHE A 356 -10.51 0.40 -1.92
CA PHE A 356 -11.34 0.01 -0.78
C PHE A 356 -10.82 -1.26 -0.14
N TYR A 357 -11.17 -1.43 1.13
CA TYR A 357 -10.89 -2.64 1.88
C TYR A 357 -11.79 -3.73 1.35
N GLN A 358 -11.33 -4.97 1.47
CA GLN A 358 -12.17 -6.12 1.20
C GLN A 358 -11.90 -7.18 2.26
N ASP A 359 -12.88 -8.08 2.46
CA ASP A 359 -12.74 -9.18 3.42
C ASP A 359 -11.55 -10.08 3.12
N LYS A 360 -10.85 -10.51 4.18
CA LYS A 360 -9.71 -11.41 4.05
C LYS A 360 -10.19 -12.87 3.89
N PRO A 361 -9.65 -13.58 2.88
CA PRO A 361 -10.05 -14.98 2.62
C PRO A 361 -9.65 -15.98 3.70
N TYR A 362 -8.62 -15.69 4.48
CA TYR A 362 -8.31 -16.44 5.69
C TYR A 362 -8.98 -15.67 6.86
N GLU A 363 -8.76 -16.08 8.10
CA GLU A 363 -9.53 -15.55 9.24
C GLU A 363 -11.03 -15.86 9.14
#